data_7XPJ
#
_entry.id   7XPJ
#
_cell.length_a   107.327
_cell.length_b   107.327
_cell.length_c   73.362
_cell.angle_alpha   90.00
_cell.angle_beta   90.00
_cell.angle_gamma   120.00
#
_symmetry.space_group_name_H-M   'P 62 2 2'
#
loop_
_entity.id
_entity.type
_entity.pdbx_description
1 polymer 'BAH domain-containing protein'
2 water water
#
_entity_poly.entity_id   1
_entity_poly.type   'polypeptide(L)'
_entity_poly.pdbx_seq_one_letter_code
;GGGIKMDTQFYDSFTFDNVKYSLYDNVYLFKSGESEPYIGKIIKIWQQNQAKKVKILWFFLPDEIRKHLSGPVMEKEIFL
ACGEGVGLADINPLEAIGGKCTVLCISKDERNRQPSPRELAMADYIFYRFFDVNSCTLSEQLPEKIAGVEGNLLLNSKVE
QVTSCS
;
_entity_poly.pdbx_strand_id   A
#
# COMPACT_ATOMS: atom_id res chain seq x y z
N GLY A 2 9.92 -29.20 -7.81
CA GLY A 2 9.60 -29.32 -9.22
C GLY A 2 9.54 -27.99 -9.95
N GLY A 3 10.28 -27.89 -11.05
CA GLY A 3 10.31 -26.67 -11.83
C GLY A 3 8.96 -26.37 -12.47
N ILE A 4 8.74 -25.09 -12.74
CA ILE A 4 7.48 -24.60 -13.26
C ILE A 4 7.75 -23.60 -14.37
N LYS A 5 7.21 -23.88 -15.56
CA LYS A 5 7.31 -22.97 -16.70
C LYS A 5 5.99 -22.98 -17.45
N MET A 6 5.62 -21.82 -17.99
CA MET A 6 4.38 -21.63 -18.75
C MET A 6 3.14 -21.76 -17.87
N ASP A 7 3.26 -21.47 -16.57
CA ASP A 7 2.14 -21.53 -15.65
C ASP A 7 1.78 -20.20 -15.03
N THR A 8 2.49 -19.12 -15.38
CA THR A 8 2.34 -17.85 -14.67
C THR A 8 2.24 -16.71 -15.66
N GLN A 9 1.40 -15.72 -15.35
CA GLN A 9 1.37 -14.50 -16.13
C GLN A 9 1.00 -13.33 -15.21
N PHE A 10 1.42 -12.14 -15.61
CA PHE A 10 1.29 -10.94 -14.78
C PHE A 10 0.40 -9.92 -15.47
N TYR A 11 -0.21 -9.04 -14.67
CA TYR A 11 -1.24 -8.14 -15.17
C TYR A 11 -0.97 -6.71 -14.69
N ASP A 12 -1.42 -5.75 -15.50
CA ASP A 12 -1.46 -4.36 -15.07
C ASP A 12 -2.69 -4.05 -14.23
N SER A 13 -3.73 -4.87 -14.34
CA SER A 13 -4.98 -4.59 -13.64
C SER A 13 -5.80 -5.87 -13.57
N PHE A 14 -6.88 -5.80 -12.79
CA PHE A 14 -7.87 -6.86 -12.76
C PHE A 14 -9.22 -6.26 -12.39
N THR A 15 -10.27 -7.06 -12.55
CA THR A 15 -11.62 -6.68 -12.18
C THR A 15 -12.18 -7.73 -11.24
N PHE A 16 -12.72 -7.27 -10.12
CA PHE A 16 -13.13 -8.17 -9.04
C PHE A 16 -14.24 -7.50 -8.25
N ASP A 17 -15.34 -8.23 -8.04
CA ASP A 17 -16.52 -7.73 -7.33
C ASP A 17 -16.94 -6.36 -7.87
N ASN A 18 -16.98 -6.27 -9.20
CA ASN A 18 -17.42 -5.12 -10.00
C ASN A 18 -16.42 -3.97 -10.01
N VAL A 19 -15.26 -4.10 -9.35
CA VAL A 19 -14.33 -2.99 -9.21
C VAL A 19 -13.09 -3.25 -10.04
N LYS A 20 -12.51 -2.18 -10.57
CA LYS A 20 -11.33 -2.23 -11.42
C LYS A 20 -10.12 -1.77 -10.59
N TYR A 21 -9.17 -2.68 -10.38
CA TYR A 21 -7.97 -2.40 -9.58
C TYR A 21 -6.76 -2.42 -10.50
N SER A 22 -5.98 -1.35 -10.46
CA SER A 22 -4.75 -1.25 -11.23
C SER A 22 -3.54 -1.32 -10.31
N LEU A 23 -2.37 -1.44 -10.91
CA LEU A 23 -1.14 -1.41 -10.12
C LEU A 23 -1.04 -0.10 -9.35
N TYR A 24 -0.51 -0.18 -8.13
CA TYR A 24 -0.27 0.94 -7.23
C TYR A 24 -1.56 1.53 -6.67
N ASP A 25 -2.70 0.88 -6.90
CA ASP A 25 -3.91 1.23 -6.18
C ASP A 25 -3.82 0.75 -4.74
N ASN A 26 -4.57 1.40 -3.86
CA ASN A 26 -4.58 1.08 -2.44
C ASN A 26 -5.91 0.41 -2.09
N VAL A 27 -5.84 -0.62 -1.24
CA VAL A 27 -6.97 -1.50 -0.98
C VAL A 27 -7.05 -1.87 0.49
N TYR A 28 -8.27 -2.20 0.91
CA TYR A 28 -8.52 -2.89 2.16
C TYR A 28 -8.29 -4.39 1.97
N LEU A 29 -7.55 -4.99 2.89
CA LEU A 29 -7.32 -6.43 2.93
C LEU A 29 -7.81 -6.97 4.27
N PHE A 30 -8.40 -8.16 4.24
CA PHE A 30 -8.99 -8.76 5.43
C PHE A 30 -8.38 -10.13 5.69
N LYS A 31 -7.92 -10.32 6.92
CA LYS A 31 -7.52 -11.65 7.38
C LYS A 31 -8.76 -12.45 7.75
N SER A 32 -8.65 -13.78 7.65
CA SER A 32 -9.76 -14.65 8.01
C SER A 32 -10.11 -14.50 9.49
N GLY A 33 -11.40 -14.37 9.77
CA GLY A 33 -11.86 -14.22 11.13
C GLY A 33 -11.74 -12.84 11.73
N GLU A 34 -11.16 -11.88 11.01
CA GLU A 34 -10.96 -10.52 11.49
C GLU A 34 -11.76 -9.56 10.61
N SER A 35 -12.58 -8.72 11.23
CA SER A 35 -13.39 -7.75 10.52
C SER A 35 -12.72 -6.38 10.39
N GLU A 36 -11.69 -6.11 11.16
CA GLU A 36 -10.97 -4.85 11.03
C GLU A 36 -9.94 -4.97 9.91
N PRO A 37 -9.93 -4.03 8.97
CA PRO A 37 -9.11 -4.19 7.77
C PRO A 37 -7.68 -3.71 7.95
N TYR A 38 -6.82 -4.20 7.07
CA TYR A 38 -5.47 -3.69 6.88
C TYR A 38 -5.42 -2.94 5.55
N ILE A 39 -4.50 -1.99 5.45
CA ILE A 39 -4.40 -1.13 4.28
C ILE A 39 -3.14 -1.47 3.52
N GLY A 40 -3.25 -1.63 2.20
CA GLY A 40 -2.10 -2.02 1.41
C GLY A 40 -2.12 -1.39 0.04
N LYS A 41 -0.97 -1.45 -0.64
CA LYS A 41 -0.82 -0.98 -2.01
C LYS A 41 -0.45 -2.16 -2.90
N ILE A 42 -1.18 -2.32 -3.99
CA ILE A 42 -0.89 -3.38 -4.95
C ILE A 42 0.33 -3.00 -5.76
N ILE A 43 1.39 -3.80 -5.69
CA ILE A 43 2.58 -3.57 -6.49
C ILE A 43 2.84 -4.68 -7.50
N LYS A 44 2.05 -5.75 -7.50
CA LYS A 44 2.20 -6.81 -8.49
C LYS A 44 0.92 -7.64 -8.51
N ILE A 45 0.51 -8.03 -9.71
CA ILE A 45 -0.69 -8.84 -9.93
C ILE A 45 -0.32 -9.97 -10.87
N TRP A 46 -0.65 -11.20 -10.49
CA TRP A 46 -0.33 -12.33 -11.35
C TRP A 46 -1.29 -13.47 -11.08
N GLN A 47 -1.25 -14.44 -11.99
CA GLN A 47 -1.99 -15.70 -11.88
C GLN A 47 -1.01 -16.83 -12.15
N GLN A 48 -0.94 -17.77 -11.21
CA GLN A 48 -0.21 -19.02 -11.37
C GLN A 48 -1.21 -20.16 -11.33
N ASN A 49 -1.28 -20.93 -12.41
CA ASN A 49 -2.37 -21.88 -12.63
C ASN A 49 -3.70 -21.16 -12.52
N GLN A 50 -4.51 -21.50 -11.52
CA GLN A 50 -5.82 -20.88 -11.34
C GLN A 50 -5.89 -19.97 -10.12
N ALA A 51 -4.78 -19.77 -9.42
CA ALA A 51 -4.76 -18.94 -8.22
C ALA A 51 -4.22 -17.56 -8.57
N LYS A 52 -5.05 -16.53 -8.37
CA LYS A 52 -4.63 -15.16 -8.59
C LYS A 52 -4.10 -14.54 -7.31
N LYS A 53 -2.97 -13.85 -7.42
CA LYS A 53 -2.26 -13.30 -6.28
C LYS A 53 -2.02 -11.82 -6.49
N VAL A 54 -1.75 -11.12 -5.39
CA VAL A 54 -1.31 -9.73 -5.42
C VAL A 54 -0.18 -9.56 -4.41
N LYS A 55 0.87 -8.86 -4.82
CA LYS A 55 1.93 -8.46 -3.90
C LYS A 55 1.52 -7.14 -3.28
N ILE A 56 1.50 -7.09 -1.95
CA ILE A 56 1.00 -5.94 -1.21
C ILE A 56 2.16 -5.31 -0.48
N LEU A 57 2.49 -4.07 -0.84
CA LEU A 57 3.34 -3.22 -0.02
C LEU A 57 2.49 -2.60 1.08
N TRP A 58 2.92 -2.79 2.32
CA TRP A 58 2.02 -2.57 3.46
C TRP A 58 1.93 -1.11 3.85
N PHE A 59 0.72 -0.70 4.23
CA PHE A 59 0.49 0.52 5.00
C PHE A 59 0.19 0.11 6.43
N PHE A 60 0.76 0.84 7.38
CA PHE A 60 0.57 0.58 8.80
C PHE A 60 -0.29 1.68 9.39
N LEU A 61 -1.39 1.29 10.04
CA LEU A 61 -2.18 2.21 10.82
C LEU A 61 -1.46 2.52 12.13
N PRO A 62 -1.78 3.66 12.75
CA PRO A 62 -1.16 3.97 14.05
C PRO A 62 -1.36 2.87 15.09
N ASP A 63 -2.58 2.35 15.20
CA ASP A 63 -2.88 1.28 16.14
C ASP A 63 -2.05 0.02 15.90
N GLU A 64 -1.57 -0.18 14.66
CA GLU A 64 -0.72 -1.32 14.37
C GLU A 64 0.66 -1.18 14.98
N ILE A 65 1.13 0.06 15.15
CA ILE A 65 2.49 0.31 15.64
C ILE A 65 2.46 1.22 16.85
N ARG A 66 1.45 1.07 17.70
CA ARG A 66 1.25 2.02 18.78
C ARG A 66 2.43 2.05 19.74
N LYS A 67 3.01 0.89 20.04
CA LYS A 67 4.13 0.85 20.97
C LYS A 67 5.40 1.48 20.38
N HIS A 68 5.38 1.87 19.12
CA HIS A 68 6.52 2.56 18.52
C HIS A 68 6.28 4.05 18.35
N LEU A 69 5.05 4.53 18.56
CA LEU A 69 4.75 5.94 18.41
C LEU A 69 5.33 6.74 19.57
N SER A 70 5.81 7.95 19.26
CA SER A 70 6.37 8.82 20.28
C SER A 70 5.96 10.28 20.08
N GLY A 71 4.87 10.54 19.37
CA GLY A 71 4.40 11.88 19.16
C GLY A 71 2.99 11.89 18.59
N PRO A 72 2.46 13.08 18.31
CA PRO A 72 1.12 13.17 17.75
C PRO A 72 1.07 12.68 16.32
N VAL A 73 -0.06 12.09 15.96
CA VAL A 73 -0.34 11.68 14.58
C VAL A 73 -1.51 12.51 14.07
N MET A 74 -1.53 12.74 12.76
CA MET A 74 -2.60 13.50 12.17
C MET A 74 -3.89 12.66 12.12
N GLU A 75 -5.02 13.35 12.02
CA GLU A 75 -6.28 12.66 11.75
C GLU A 75 -6.16 11.92 10.42
N LYS A 76 -6.58 10.66 10.43
CA LYS A 76 -6.57 9.77 9.26
C LYS A 76 -5.16 9.48 8.76
N GLU A 77 -4.14 9.67 9.59
CA GLU A 77 -2.78 9.42 9.15
C GLU A 77 -2.43 7.94 9.24
N ILE A 78 -1.78 7.43 8.21
CA ILE A 78 -1.16 6.10 8.20
C ILE A 78 0.27 6.26 7.72
N PHE A 79 1.01 5.15 7.68
CA PHE A 79 2.42 5.19 7.33
C PHE A 79 2.74 4.16 6.27
N LEU A 80 3.48 4.56 5.25
CA LEU A 80 3.89 3.62 4.22
C LEU A 80 5.12 2.85 4.70
N ALA A 81 5.08 1.54 4.57
CA ALA A 81 6.21 0.72 4.99
C ALA A 81 7.39 0.91 4.05
N CYS A 82 8.60 0.85 4.62
CA CYS A 82 9.83 0.97 3.85
C CYS A 82 10.89 0.13 4.54
N GLY A 83 12.09 0.13 3.98
CA GLY A 83 13.16 -0.68 4.51
C GLY A 83 13.07 -2.11 4.02
N GLU A 84 13.70 -3.01 4.78
CA GLU A 84 13.79 -4.41 4.43
C GLU A 84 13.41 -5.28 5.61
N GLY A 85 12.75 -6.40 5.33
CA GLY A 85 12.44 -7.40 6.33
C GLY A 85 10.95 -7.69 6.40
N VAL A 86 10.59 -8.45 7.44
CA VAL A 86 9.19 -8.82 7.63
C VAL A 86 8.37 -7.58 7.93
N GLY A 87 7.18 -7.50 7.34
CA GLY A 87 6.30 -6.36 7.46
C GLY A 87 6.33 -5.41 6.28
N LEU A 88 7.33 -5.53 5.41
CA LEU A 88 7.40 -4.66 4.24
C LEU A 88 6.33 -5.02 3.22
N ALA A 89 6.28 -6.29 2.81
CA ALA A 89 5.36 -6.71 1.77
C ALA A 89 4.92 -8.15 2.03
N ASP A 90 3.76 -8.49 1.50
CA ASP A 90 3.20 -9.83 1.65
C ASP A 90 2.45 -10.22 0.38
N ILE A 91 2.56 -11.49 0.01
CA ILE A 91 1.82 -12.02 -1.13
C ILE A 91 0.48 -12.54 -0.62
N ASN A 92 -0.60 -11.97 -1.14
CA ASN A 92 -1.95 -12.27 -0.68
C ASN A 92 -2.77 -12.86 -1.83
N PRO A 93 -3.75 -13.71 -1.50
CA PRO A 93 -4.73 -14.10 -2.52
C PRO A 93 -5.60 -12.92 -2.89
N LEU A 94 -6.00 -12.89 -4.16
CA LEU A 94 -6.84 -11.79 -4.64
C LEU A 94 -8.14 -11.69 -3.87
N GLU A 95 -8.65 -12.83 -3.37
CA GLU A 95 -9.90 -12.84 -2.63
C GLU A 95 -9.82 -12.12 -1.30
N ALA A 96 -8.61 -11.81 -0.82
CA ALA A 96 -8.46 -11.10 0.44
C ALA A 96 -8.79 -9.62 0.31
N ILE A 97 -8.84 -9.09 -0.91
CA ILE A 97 -9.11 -7.68 -1.13
C ILE A 97 -10.60 -7.44 -0.91
N GLY A 98 -10.93 -6.53 0.02
CA GLY A 98 -12.31 -6.21 0.28
C GLY A 98 -12.84 -5.06 -0.55
N GLY A 99 -11.93 -4.22 -1.04
CA GLY A 99 -12.34 -3.04 -1.80
C GLY A 99 -11.21 -2.04 -1.90
N LYS A 100 -11.50 -0.94 -2.59
CA LYS A 100 -10.51 0.09 -2.87
C LYS A 100 -10.47 1.10 -1.72
N CYS A 101 -9.27 1.63 -1.46
CA CYS A 101 -9.05 2.57 -0.37
C CYS A 101 -8.34 3.79 -0.92
N THR A 102 -8.79 4.98 -0.55
CA THR A 102 -8.22 6.23 -1.04
C THR A 102 -7.17 6.70 -0.04
N VAL A 103 -5.89 6.56 -0.41
CA VAL A 103 -4.77 6.97 0.43
C VAL A 103 -4.01 8.05 -0.35
N LEU A 104 -4.03 9.27 0.17
CA LEU A 104 -3.39 10.41 -0.49
C LEU A 104 -2.10 10.79 0.24
N CYS A 105 -1.09 11.15 -0.53
CA CYS A 105 0.19 11.57 0.03
C CYS A 105 0.22 13.10 0.12
N ILE A 106 0.66 13.61 1.26
CA ILE A 106 0.80 15.04 1.49
C ILE A 106 2.26 15.44 1.68
N SER A 107 3.19 14.59 1.26
CA SER A 107 4.60 14.87 1.45
C SER A 107 5.02 16.11 0.67
N LYS A 108 6.01 16.83 1.22
CA LYS A 108 6.53 18.01 0.55
C LYS A 108 7.42 17.63 -0.63
N ASP A 109 7.78 16.35 -0.75
CA ASP A 109 8.71 15.90 -1.78
C ASP A 109 8.20 16.25 -3.17
N GLU A 110 9.09 16.79 -4.00
CA GLU A 110 8.68 17.25 -5.33
C GLU A 110 8.17 16.11 -6.20
N ARG A 111 8.59 14.86 -5.94
CA ARG A 111 8.06 13.72 -6.68
C ARG A 111 6.59 13.46 -6.41
N ASN A 112 6.00 14.15 -5.44
CA ASN A 112 4.60 13.94 -5.05
C ASN A 112 3.74 15.04 -5.65
N ARG A 113 2.64 14.64 -6.29
CA ARG A 113 1.65 15.60 -6.75
C ARG A 113 0.85 16.11 -5.54
N GLN A 114 0.83 17.42 -5.36
CA GLN A 114 0.15 18.01 -4.21
C GLN A 114 -1.35 17.92 -4.39
N PRO A 115 -2.08 17.25 -3.50
CA PRO A 115 -3.53 17.12 -3.67
C PRO A 115 -4.27 18.36 -3.16
N SER A 116 -5.51 18.48 -3.61
CA SER A 116 -6.36 19.58 -3.19
C SER A 116 -6.82 19.38 -1.75
N PRO A 117 -7.15 20.47 -1.04
CA PRO A 117 -7.82 20.29 0.26
C PRO A 117 -9.11 19.52 0.16
N ARG A 118 -9.84 19.63 -0.96
CA ARG A 118 -11.01 18.79 -1.17
C ARG A 118 -10.62 17.32 -1.25
N GLU A 119 -9.59 17.00 -2.04
CA GLU A 119 -9.09 15.63 -2.12
C GLU A 119 -8.70 15.11 -0.76
N LEU A 120 -8.06 15.94 0.06
CA LEU A 120 -7.67 15.53 1.41
C LEU A 120 -8.87 15.30 2.29
N ALA A 121 -9.91 16.13 2.14
CA ALA A 121 -11.11 15.95 2.94
C ALA A 121 -11.86 14.68 2.57
N MET A 122 -11.76 14.27 1.31
CA MET A 122 -12.46 13.07 0.86
C MET A 122 -11.61 11.80 0.99
N ALA A 123 -10.33 11.93 1.30
CA ALA A 123 -9.47 10.75 1.37
C ALA A 123 -9.79 9.91 2.60
N ASP A 124 -9.61 8.59 2.48
CA ASP A 124 -9.78 7.71 3.62
C ASP A 124 -8.61 7.84 4.58
N TYR A 125 -7.39 7.93 4.05
CA TYR A 125 -6.20 8.10 4.88
C TYR A 125 -5.22 9.01 4.15
N ILE A 126 -4.30 9.60 4.92
CA ILE A 126 -3.24 10.43 4.39
C ILE A 126 -1.91 9.95 4.99
N PHE A 127 -0.81 10.29 4.31
CA PHE A 127 0.49 9.90 4.82
C PHE A 127 1.56 10.84 4.28
N TYR A 128 2.57 11.09 5.12
CA TYR A 128 3.78 11.78 4.71
C TYR A 128 5.01 11.20 5.39
N ARG A 129 4.84 10.20 6.26
CA ARG A 129 5.94 9.57 6.96
C ARG A 129 5.98 8.08 6.60
N PHE A 130 7.17 7.51 6.74
CA PHE A 130 7.45 6.15 6.30
C PHE A 130 8.01 5.35 7.46
N PHE A 131 7.54 4.11 7.58
CA PHE A 131 7.85 3.25 8.72
C PHE A 131 8.88 2.21 8.28
N ASP A 132 10.09 2.33 8.81
CA ASP A 132 11.13 1.34 8.55
C ASP A 132 10.79 0.06 9.30
N VAL A 133 10.54 -1.02 8.55
CA VAL A 133 10.08 -2.25 9.17
C VAL A 133 11.16 -2.93 10.01
N ASN A 134 12.43 -2.57 9.81
CA ASN A 134 13.51 -3.19 10.57
C ASN A 134 13.78 -2.44 11.88
N SER A 135 13.89 -1.12 11.83
CA SER A 135 14.15 -0.33 13.02
C SER A 135 12.88 0.20 13.68
N CYS A 136 11.73 0.05 13.03
CA CYS A 136 10.44 0.50 13.57
C CYS A 136 10.46 1.99 13.88
N THR A 137 11.05 2.77 12.98
CA THR A 137 11.13 4.22 13.12
C THR A 137 10.44 4.91 11.95
N LEU A 138 9.88 6.08 12.23
CA LEU A 138 9.23 6.90 11.21
C LEU A 138 10.20 7.94 10.68
N SER A 139 10.08 8.23 9.39
CA SER A 139 10.93 9.23 8.75
C SER A 139 10.14 9.95 7.66
N GLU A 140 10.40 11.25 7.52
CA GLU A 140 9.75 12.04 6.49
C GLU A 140 10.44 11.97 5.14
N GLN A 141 11.58 11.31 5.05
CA GLN A 141 12.32 11.23 3.79
C GLN A 141 11.83 10.02 2.99
N LEU A 142 11.32 10.27 1.80
CA LEU A 142 10.90 9.20 0.91
C LEU A 142 12.12 8.50 0.33
N PRO A 143 12.27 7.19 0.50
CA PRO A 143 13.41 6.48 -0.08
C PRO A 143 13.37 6.52 -1.61
N GLU A 144 14.54 6.29 -2.19
CA GLU A 144 14.63 6.17 -3.65
C GLU A 144 13.76 5.03 -4.17
N LYS A 145 13.74 3.92 -3.45
CA LYS A 145 12.98 2.74 -3.84
C LYS A 145 12.42 2.05 -2.60
N ILE A 146 11.25 1.44 -2.76
CA ILE A 146 10.64 0.61 -1.74
C ILE A 146 10.20 -0.69 -2.41
N ALA A 147 10.71 -1.82 -1.91
CA ALA A 147 10.38 -3.15 -2.43
C ALA A 147 10.65 -3.27 -3.92
N GLY A 148 11.70 -2.62 -4.41
CA GLY A 148 12.07 -2.69 -5.80
C GLY A 148 11.30 -1.78 -6.73
N VAL A 149 10.45 -0.91 -6.20
CA VAL A 149 9.63 0.00 -7.00
C VAL A 149 10.15 1.42 -6.78
N GLU A 150 10.30 2.16 -7.87
CA GLU A 150 10.73 3.55 -7.77
C GLU A 150 9.75 4.34 -6.91
N GLY A 151 10.30 5.27 -6.11
CA GLY A 151 9.48 5.97 -5.14
C GLY A 151 8.38 6.81 -5.75
N ASN A 152 8.66 7.43 -6.91
CA ASN A 152 7.67 8.30 -7.54
C ASN A 152 6.39 7.56 -7.93
N LEU A 153 6.46 6.23 -8.11
CA LEU A 153 5.28 5.46 -8.44
C LEU A 153 4.45 5.08 -7.22
N LEU A 154 4.93 5.37 -6.01
CA LEU A 154 4.26 4.98 -4.78
C LEU A 154 3.50 6.13 -4.14
N LEU A 155 3.40 7.28 -4.81
CA LEU A 155 2.73 8.43 -4.22
C LEU A 155 1.39 8.67 -4.91
N ASN A 156 1.01 9.93 -5.09
CA ASN A 156 -0.28 10.22 -5.70
C ASN A 156 -0.23 9.94 -7.21
N SER A 157 -1.43 9.80 -7.79
CA SER A 157 -1.53 9.41 -9.19
C SER A 157 -0.96 10.50 -10.10
N LYS A 158 -0.70 10.11 -11.35
CA LYS A 158 -0.14 11.04 -12.32
C LYS A 158 -1.08 12.21 -12.59
N VAL A 159 -2.36 11.92 -12.77
CA VAL A 159 -3.36 12.94 -12.99
C VAL A 159 -4.41 12.87 -11.88
N GLU A 160 -5.15 13.95 -11.72
CA GLU A 160 -6.11 14.08 -10.64
C GLU A 160 -7.38 13.28 -10.91
#